data_4GEM
#
_entry.id   4GEM
#
_cell.length_a   55.883
_cell.length_b   70.214
_cell.length_c   56.938
_cell.angle_alpha   90.000
_cell.angle_beta   108.760
_cell.angle_gamma   90.000
#
_symmetry.space_group_name_H-M   'P 1 21 1'
#
loop_
_entity.id
_entity.type
_entity.pdbx_description
1 polymer 'Mitochondrial cardiolipin hydrolase'
2 non-polymer 'ZINC ION'
3 non-polymer 1,2-ETHANEDIOL
4 water water
#
_entity_poly.entity_id   1
_entity_poly.type   'polypeptide(L)'
_entity_poly.pdbx_seq_one_letter_code
;GPGHMELRSKREKASRVHEVIIFNELGEICAAVHMRNSSMGSQKPQVSPCCNTHCSLRNVAKIVEQIDRAVYSIDLAIYT
FTSLFLADSIKRALQRGVIIRIISDGEMVYSKGSQISMLAQLGVPVRVPITTNLMHNAFCIIDGFERVEEIRLLRKLKFM
RPCYSIVISGSVNWTALGLGGNWENCIITADDKLTATFQAEFQRMWRAFAKTEGSQIQLK
;
_entity_poly.pdbx_strand_id   A,B
#
loop_
_chem_comp.id
_chem_comp.type
_chem_comp.name
_chem_comp.formula
EDO non-polymer 1,2-ETHANEDIOL 'C2 H6 O2'
ZN non-polymer 'ZINC ION' 'Zn 2'
#
# COMPACT_ATOMS: atom_id res chain seq x y z
N ARG A 11 -9.54 23.90 6.34
CA ARG A 11 -9.90 23.46 7.69
C ARG A 11 -10.91 22.33 7.63
N GLU A 12 -12.01 22.56 6.92
CA GLU A 12 -13.02 21.53 6.71
C GLU A 12 -12.49 20.44 5.76
N LYS A 13 -11.65 20.86 4.82
CA LYS A 13 -10.98 19.93 3.91
C LYS A 13 -9.93 19.11 4.65
N ALA A 14 -9.19 19.76 5.54
CA ALA A 14 -8.16 19.11 6.35
C ALA A 14 -8.80 18.23 7.44
N SER A 15 -10.12 18.35 7.58
CA SER A 15 -10.87 17.52 8.52
C SER A 15 -11.22 16.18 7.86
N ARG A 16 -11.08 16.12 6.53
CA ARG A 16 -11.48 14.95 5.75
C ARG A 16 -10.57 13.77 5.98
N VAL A 17 -11.06 12.56 5.65
CA VAL A 17 -10.33 11.34 5.98
C VAL A 17 -8.90 11.34 5.43
N HIS A 18 -7.95 11.02 6.31
CA HIS A 18 -6.55 10.94 5.96
C HIS A 18 -5.85 10.15 7.05
N GLU A 19 -5.77 8.83 6.84
CA GLU A 19 -5.17 7.94 7.84
C GLU A 19 -4.75 6.64 7.21
N VAL A 20 -3.95 5.86 7.94
CA VAL A 20 -3.62 4.53 7.48
C VAL A 20 -4.32 3.52 8.37
N ILE A 21 -4.94 2.54 7.73
CA ILE A 21 -5.62 1.47 8.43
C ILE A 21 -4.71 0.26 8.46
N ILE A 22 -4.50 -0.31 9.65
CA ILE A 22 -3.61 -1.45 9.78
C ILE A 22 -4.31 -2.69 10.32
N PHE A 23 -4.26 -3.76 9.53
CA PHE A 23 -4.68 -5.08 9.99
C PHE A 23 -3.46 -5.83 10.53
N ASN A 24 -3.56 -6.34 11.75
CA ASN A 24 -2.48 -7.12 12.33
C ASN A 24 -3.04 -8.26 13.18
N GLU A 25 -2.18 -8.89 13.98
CA GLU A 25 -2.60 -10.07 14.76
C GLU A 25 -3.49 -9.73 15.95
N LEU A 26 -3.53 -8.45 16.30
CA LEU A 26 -4.36 -7.98 17.42
C LEU A 26 -5.78 -7.64 16.98
N GLY A 27 -6.09 -7.91 15.72
CA GLY A 27 -7.34 -7.49 15.12
C GLY A 27 -8.60 -8.07 15.76
N GLU A 28 -8.50 -9.28 16.27
CA GLU A 28 -9.67 -10.00 16.78
C GLU A 28 -9.55 -10.30 18.26
N ILE A 29 -8.58 -9.65 18.90
CA ILE A 29 -8.36 -9.72 20.33
C ILE A 29 -9.63 -9.37 21.11
N CYS A 30 -10.48 -8.53 20.50
CA CYS A 30 -11.68 -8.00 21.14
C CYS A 30 -12.96 -8.74 20.75
N ALA A 31 -12.81 -9.91 20.14
CA ALA A 31 -13.97 -10.64 19.61
C ALA A 31 -15.04 -10.95 20.67
N ALA A 32 -14.60 -11.29 21.88
CA ALA A 32 -15.52 -11.63 22.96
C ALA A 32 -16.24 -10.42 23.54
N VAL A 33 -15.50 -9.31 23.65
CA VAL A 33 -16.07 -8.03 24.05
C VAL A 33 -17.26 -7.71 23.15
N HIS A 34 -17.05 -7.85 21.85
CA HIS A 34 -18.10 -7.60 20.87
C HIS A 34 -19.31 -8.53 21.01
N MET A 35 -19.05 -9.82 21.25
CA MET A 35 -20.15 -10.77 21.39
C MET A 35 -20.97 -10.52 22.65
N ARG A 36 -20.29 -10.18 23.75
CA ARG A 36 -20.98 -9.83 24.97
C ARG A 36 -21.89 -8.63 24.77
N ASN A 37 -21.41 -7.64 24.02
CA ASN A 37 -22.20 -6.45 23.72
C ASN A 37 -23.40 -6.75 22.83
N SER A 38 -23.19 -7.60 21.82
CA SER A 38 -24.24 -8.00 20.90
C SER A 38 -25.42 -8.66 21.64
N SER A 39 -25.10 -9.47 22.65
CA SER A 39 -26.15 -10.12 23.45
C SER A 39 -26.80 -9.12 24.41
N MET A 40 -26.40 -7.84 24.28
CA MET A 40 -26.87 -6.72 25.09
C MET A 40 -26.26 -6.70 26.50
N GLY A 41 -24.94 -6.84 26.57
CA GLY A 41 -24.22 -6.77 27.83
C GLY A 41 -22.71 -6.76 27.64
N PRO A 49 -18.81 -1.33 20.86
CA PRO A 49 -17.78 -0.44 21.44
C PRO A 49 -16.73 -1.24 22.20
N CYS A 50 -15.48 -1.14 21.74
CA CYS A 50 -14.38 -1.84 22.38
C CYS A 50 -13.15 -0.93 22.50
N CYS A 51 -12.17 -1.37 23.27
CA CYS A 51 -11.00 -0.56 23.61
C CYS A 51 -9.80 -0.88 22.69
N ASN A 52 -9.98 -1.87 21.81
CA ASN A 52 -8.91 -2.31 20.92
C ASN A 52 -8.62 -1.31 19.79
N THR A 53 -7.46 -0.66 19.83
CA THR A 53 -7.08 0.29 18.79
C THR A 53 -6.81 -0.39 17.46
N HIS A 54 -6.56 -1.69 17.50
CA HIS A 54 -6.31 -2.46 16.27
C HIS A 54 -7.57 -3.19 15.80
N CYS A 55 -8.71 -2.85 16.38
CA CYS A 55 -9.94 -3.59 16.13
C CYS A 55 -10.23 -3.75 14.63
N SER A 56 -10.26 -5.00 14.18
CA SER A 56 -10.48 -5.31 12.78
C SER A 56 -11.87 -4.90 12.29
N LEU A 57 -12.86 -4.94 13.17
CA LEU A 57 -14.22 -4.54 12.80
C LEU A 57 -14.32 -3.05 12.52
N ARG A 58 -13.60 -2.27 13.32
CA ARG A 58 -13.56 -0.82 13.17
C ARG A 58 -12.84 -0.52 11.86
N ASN A 59 -11.75 -1.25 11.62
CA ASN A 59 -11.03 -1.14 10.35
C ASN A 59 -11.95 -1.29 9.14
N VAL A 60 -12.69 -2.40 9.06
CA VAL A 60 -13.55 -2.60 7.89
C VAL A 60 -14.68 -1.57 7.83
N ALA A 61 -15.10 -1.06 8.98
CA ALA A 61 -16.19 -0.07 8.99
C ALA A 61 -15.71 1.26 8.43
N LYS A 62 -14.45 1.61 8.73
CA LYS A 62 -13.85 2.83 8.18
C LYS A 62 -13.68 2.69 6.67
N ILE A 63 -13.28 1.50 6.22
CA ILE A 63 -13.18 1.25 4.78
C ILE A 63 -14.55 1.33 4.10
N VAL A 64 -15.52 0.60 4.63
CA VAL A 64 -16.83 0.51 4.01
C VAL A 64 -17.60 1.84 4.08
N GLU A 65 -17.27 2.65 5.09
CA GLU A 65 -17.83 4.00 5.19
C GLU A 65 -17.55 4.83 3.93
N GLN A 66 -16.36 4.67 3.36
CA GLN A 66 -15.97 5.38 2.14
C GLN A 66 -16.75 4.88 0.93
N ILE A 67 -17.00 3.57 0.87
CA ILE A 67 -17.75 3.01 -0.25
C ILE A 67 -19.19 3.51 -0.26
N ASP A 68 -19.79 3.55 0.93
CA ASP A 68 -21.15 4.01 1.10
C ASP A 68 -21.29 5.51 0.79
N ARG A 69 -20.17 6.23 0.86
CA ARG A 69 -20.14 7.68 0.59
C ARG A 69 -20.16 8.02 -0.90
N ALA A 70 -19.72 7.09 -1.74
CA ALA A 70 -19.59 7.30 -3.18
C ALA A 70 -20.85 7.85 -3.80
N VAL A 71 -20.72 8.91 -4.58
CA VAL A 71 -21.87 9.50 -5.24
C VAL A 71 -21.97 9.06 -6.69
N TYR A 72 -20.84 9.05 -7.39
CA TYR A 72 -20.84 8.79 -8.82
C TYR A 72 -19.99 7.61 -9.28
N SER A 73 -18.77 7.50 -8.79
CA SER A 73 -17.90 6.46 -9.29
C SER A 73 -17.08 5.73 -8.23
N ILE A 74 -16.88 4.44 -8.48
CA ILE A 74 -15.84 3.68 -7.79
C ILE A 74 -15.02 2.92 -8.83
N ASP A 75 -13.76 3.27 -8.95
CA ASP A 75 -12.84 2.56 -9.83
C ASP A 75 -11.90 1.71 -9.00
N LEU A 76 -11.97 0.40 -9.24
CA LEU A 76 -11.26 -0.55 -8.41
C LEU A 76 -10.21 -1.30 -9.22
N ALA A 77 -8.94 -1.00 -8.95
CA ALA A 77 -7.84 -1.83 -9.44
C ALA A 77 -7.45 -2.83 -8.36
N ILE A 78 -7.76 -4.10 -8.59
CA ILE A 78 -7.69 -5.05 -7.51
C ILE A 78 -7.02 -6.38 -7.88
N TYR A 79 -6.17 -6.89 -6.99
CA TYR A 79 -5.48 -8.16 -7.22
C TYR A 79 -6.41 -9.33 -6.95
N THR A 80 -7.02 -9.33 -5.78
CA THR A 80 -7.95 -10.40 -5.43
C THR A 80 -9.19 -9.86 -4.72
N PHE A 81 -10.36 -10.30 -5.18
CA PHE A 81 -11.61 -9.82 -4.62
C PHE A 81 -12.42 -10.99 -4.10
N THR A 82 -12.24 -11.31 -2.83
CA THR A 82 -12.90 -12.45 -2.23
C THR A 82 -14.01 -12.06 -1.24
N SER A 83 -13.88 -10.88 -0.64
CA SER A 83 -14.78 -10.46 0.43
C SER A 83 -16.24 -10.29 -0.01
N LEU A 84 -17.11 -11.08 0.62
CA LEU A 84 -18.55 -10.98 0.42
C LEU A 84 -19.06 -9.67 0.98
N PHE A 85 -18.53 -9.30 2.14
CA PHE A 85 -18.92 -8.08 2.83
C PHE A 85 -18.60 -6.85 1.99
N LEU A 86 -17.50 -6.92 1.24
CA LEU A 86 -17.07 -5.84 0.36
C LEU A 86 -17.90 -5.82 -0.91
N ALA A 87 -18.22 -7.00 -1.43
CA ALA A 87 -19.04 -7.12 -2.63
C ALA A 87 -20.45 -6.60 -2.38
N ASP A 88 -20.94 -6.81 -1.16
CA ASP A 88 -22.24 -6.29 -0.73
C ASP A 88 -22.29 -4.77 -0.78
N SER A 89 -21.24 -4.13 -0.28
CA SER A 89 -21.20 -2.66 -0.25
C SER A 89 -21.12 -2.11 -1.67
N ILE A 90 -20.42 -2.83 -2.53
CA ILE A 90 -20.36 -2.50 -3.96
C ILE A 90 -21.74 -2.68 -4.60
N LYS A 91 -22.53 -3.62 -4.07
CA LYS A 91 -23.89 -3.81 -4.55
C LYS A 91 -24.79 -2.63 -4.19
N ARG A 92 -24.68 -2.14 -2.96
CA ARG A 92 -25.46 -0.98 -2.51
C ARG A 92 -25.17 0.24 -3.35
N ALA A 93 -23.89 0.48 -3.63
CA ALA A 93 -23.46 1.62 -4.45
C ALA A 93 -24.10 1.53 -5.82
N LEU A 94 -24.12 0.32 -6.37
CA LEU A 94 -24.67 0.05 -7.71
C LEU A 94 -26.16 0.40 -7.75
N GLN A 95 -26.88 0.01 -6.70
CA GLN A 95 -28.30 0.29 -6.61
C GLN A 95 -28.56 1.75 -6.29
N ARG A 96 -27.53 2.44 -5.82
CA ARG A 96 -27.59 3.89 -5.61
C ARG A 96 -27.30 4.67 -6.90
N GLY A 97 -26.90 3.94 -7.95
CA GLY A 97 -26.58 4.57 -9.22
C GLY A 97 -25.09 4.78 -9.48
N VAL A 98 -24.26 4.45 -8.50
CA VAL A 98 -22.81 4.59 -8.65
C VAL A 98 -22.27 3.68 -9.77
N ILE A 99 -21.43 4.27 -10.63
CA ILE A 99 -20.81 3.51 -11.72
C ILE A 99 -19.52 2.85 -11.26
N ILE A 100 -19.53 1.52 -11.23
CA ILE A 100 -18.40 0.77 -10.71
C ILE A 100 -17.66 0.04 -11.83
N ARG A 101 -16.33 0.14 -11.82
CA ARG A 101 -15.49 -0.57 -12.79
C ARG A 101 -14.37 -1.32 -12.10
N ILE A 102 -14.10 -2.54 -12.56
CA ILE A 102 -13.06 -3.35 -11.94
C ILE A 102 -11.92 -3.69 -12.89
N ILE A 103 -10.69 -3.42 -12.44
CA ILE A 103 -9.51 -3.97 -13.08
C ILE A 103 -8.95 -5.07 -12.18
N SER A 104 -8.74 -6.25 -12.75
CA SER A 104 -8.31 -7.38 -11.94
C SER A 104 -7.06 -8.04 -12.49
N ASP A 105 -6.45 -8.89 -11.66
CA ASP A 105 -5.37 -9.76 -12.07
C ASP A 105 -5.98 -10.81 -12.99
N GLY A 106 -5.33 -11.04 -14.13
CA GLY A 106 -5.81 -11.97 -15.13
C GLY A 106 -6.12 -13.39 -14.64
N GLU A 107 -5.36 -13.87 -13.66
CA GLU A 107 -5.52 -15.24 -13.15
C GLU A 107 -6.40 -15.34 -11.90
N MET A 108 -6.31 -14.35 -11.00
CA MET A 108 -7.02 -14.42 -9.73
C MET A 108 -8.53 -14.22 -9.91
N VAL A 109 -8.92 -13.75 -11.09
CA VAL A 109 -10.32 -13.47 -11.39
C VAL A 109 -11.16 -14.75 -11.36
N TYR A 110 -10.51 -15.89 -11.58
CA TYR A 110 -11.20 -17.19 -11.64
C TYR A 110 -11.17 -17.94 -10.31
N SER A 111 -10.25 -17.55 -9.42
CA SER A 111 -9.93 -18.30 -8.21
C SER A 111 -11.10 -18.55 -7.26
N LYS A 112 -10.83 -19.28 -6.19
CA LYS A 112 -11.85 -19.67 -5.21
C LYS A 112 -12.28 -18.52 -4.32
N GLY A 113 -13.58 -18.26 -4.29
CA GLY A 113 -14.11 -17.19 -3.45
C GLY A 113 -14.17 -15.86 -4.16
N SER A 114 -13.55 -15.77 -5.33
CA SER A 114 -13.54 -14.56 -6.13
C SER A 114 -14.94 -14.08 -6.46
N GLN A 115 -15.22 -12.81 -6.20
CA GLN A 115 -16.55 -12.24 -6.37
C GLN A 115 -16.69 -11.53 -7.71
N ILE A 116 -15.72 -11.72 -8.60
CA ILE A 116 -15.71 -10.96 -9.85
C ILE A 116 -16.86 -11.34 -10.78
N SER A 117 -17.09 -12.65 -10.92
CA SER A 117 -18.17 -13.16 -11.77
C SER A 117 -19.53 -12.64 -11.34
N MET A 118 -19.78 -12.69 -10.03
CA MET A 118 -21.04 -12.22 -9.48
C MET A 118 -21.27 -10.76 -9.83
N LEU A 119 -20.28 -9.91 -9.54
CA LEU A 119 -20.38 -8.48 -9.80
C LEU A 119 -20.53 -8.18 -11.29
N ALA A 120 -19.78 -8.92 -12.10
CA ALA A 120 -19.85 -8.78 -13.56
C ALA A 120 -21.24 -9.14 -14.08
N GLN A 121 -21.90 -10.09 -13.41
CA GLN A 121 -23.21 -10.54 -13.82
C GLN A 121 -24.25 -9.47 -13.52
N LEU A 122 -23.97 -8.64 -12.50
CA LEU A 122 -24.83 -7.51 -12.19
C LEU A 122 -24.54 -6.34 -13.13
N GLY A 123 -23.54 -6.52 -14.00
CA GLY A 123 -23.26 -5.53 -15.03
C GLY A 123 -22.03 -4.68 -14.79
N VAL A 124 -21.23 -5.05 -13.80
CA VAL A 124 -19.97 -4.36 -13.55
C VAL A 124 -18.98 -4.75 -14.64
N PRO A 125 -18.44 -3.76 -15.36
CA PRO A 125 -17.42 -4.07 -16.37
C PRO A 125 -16.09 -4.46 -15.74
N VAL A 126 -15.55 -5.60 -16.16
CA VAL A 126 -14.28 -6.08 -15.61
C VAL A 126 -13.21 -6.18 -16.68
N ARG A 127 -12.05 -5.58 -16.41
CA ARG A 127 -10.92 -5.71 -17.32
C ARG A 127 -9.69 -6.29 -16.64
N VAL A 128 -8.99 -7.12 -17.41
CA VAL A 128 -7.78 -7.77 -16.94
C VAL A 128 -6.69 -7.47 -17.93
N PRO A 129 -5.42 -7.52 -17.49
CA PRO A 129 -4.33 -7.36 -18.46
C PRO A 129 -4.19 -8.60 -19.33
N ILE A 130 -3.49 -8.47 -20.45
CA ILE A 130 -3.31 -9.59 -21.38
C ILE A 130 -2.29 -10.60 -20.86
N THR A 131 -1.14 -10.11 -20.42
CA THR A 131 -0.07 -10.96 -19.91
C THR A 131 -0.49 -11.71 -18.63
N THR A 132 0.39 -12.61 -18.19
CA THR A 132 0.12 -13.36 -16.96
C THR A 132 0.88 -12.77 -15.78
N ASN A 133 1.49 -11.60 -15.99
CA ASN A 133 2.19 -10.88 -14.93
C ASN A 133 1.23 -10.49 -13.80
N LEU A 134 1.78 -10.16 -12.64
CA LEU A 134 0.98 -9.93 -11.44
C LEU A 134 0.39 -8.52 -11.39
N MET A 135 -0.93 -8.44 -11.32
CA MET A 135 -1.60 -7.17 -11.09
C MET A 135 -1.73 -6.94 -9.59
N HIS A 136 -0.66 -6.43 -8.99
CA HIS A 136 -0.56 -6.28 -7.54
C HIS A 136 -1.04 -4.95 -7.00
N ASN A 137 -1.56 -4.09 -7.88
CA ASN A 137 -2.24 -2.91 -7.41
C ASN A 137 -3.48 -3.27 -6.64
N ALA A 138 -3.65 -2.63 -5.50
CA ALA A 138 -4.85 -2.80 -4.72
C ALA A 138 -5.32 -1.43 -4.32
N PHE A 139 -5.89 -0.70 -5.28
CA PHE A 139 -6.44 0.62 -5.00
C PHE A 139 -7.85 0.86 -5.49
N CYS A 140 -8.48 1.84 -4.87
CA CYS A 140 -9.89 2.11 -5.05
C CYS A 140 -10.07 3.61 -5.04
N ILE A 141 -10.51 4.19 -6.15
CA ILE A 141 -10.77 5.63 -6.18
C ILE A 141 -12.25 5.93 -6.15
N ILE A 142 -12.67 6.69 -5.16
CA ILE A 142 -14.07 7.05 -5.02
C ILE A 142 -14.25 8.49 -5.46
N ASP A 143 -15.14 8.68 -6.44
CA ASP A 143 -15.42 9.98 -7.02
C ASP A 143 -14.16 10.78 -7.38
N GLY A 144 -13.20 10.11 -8.03
CA GLY A 144 -12.02 10.81 -8.53
C GLY A 144 -12.47 11.92 -9.46
N PHE A 145 -11.89 13.10 -9.30
CA PHE A 145 -12.35 14.29 -10.03
C PHE A 145 -12.43 14.09 -11.54
N GLU A 146 -11.36 13.52 -12.11
CA GLU A 146 -11.27 13.25 -13.54
C GLU A 146 -12.39 12.31 -13.99
N ARG A 147 -12.65 11.29 -13.17
CA ARG A 147 -13.66 10.30 -13.56
C ARG A 147 -15.09 10.85 -13.45
N VAL A 148 -15.34 11.70 -12.45
CA VAL A 148 -16.65 12.33 -12.32
C VAL A 148 -16.90 13.31 -13.48
N GLU A 149 -15.88 14.07 -13.86
CA GLU A 149 -15.98 14.99 -14.99
C GLU A 149 -16.29 14.23 -16.27
N GLU A 150 -15.58 13.12 -16.46
CA GLU A 150 -15.81 12.25 -17.63
C GLU A 150 -17.25 11.78 -17.67
N ILE A 151 -17.75 11.32 -16.53
CA ILE A 151 -19.14 10.87 -16.41
C ILE A 151 -20.13 12.00 -16.68
N ARG A 152 -19.85 13.18 -16.13
CA ARG A 152 -20.67 14.36 -16.40
C ARG A 152 -20.66 14.71 -17.88
N LEU A 153 -19.48 14.74 -18.48
CA LEU A 153 -19.36 15.03 -19.92
C LEU A 153 -20.06 13.96 -20.77
N LEU A 154 -19.98 12.70 -20.35
CA LEU A 154 -20.56 11.61 -21.14
C LEU A 154 -22.08 11.63 -21.14
N ARG A 155 -22.68 12.01 -20.02
CA ARG A 155 -24.15 12.00 -19.90
C ARG A 155 -24.73 13.38 -20.23
N LYS A 156 -23.87 14.24 -20.77
CA LYS A 156 -24.23 15.59 -21.20
C LYS A 156 -24.88 16.41 -20.10
N LEU A 157 -24.39 16.24 -18.87
CA LEU A 157 -24.92 16.96 -17.72
C LEU A 157 -24.19 18.29 -17.55
N LYS A 158 -24.88 19.28 -17.02
CA LYS A 158 -24.31 20.61 -16.85
C LYS A 158 -23.74 20.82 -15.44
N PHE A 159 -24.02 19.85 -14.56
CA PHE A 159 -23.51 19.90 -13.19
C PHE A 159 -23.56 18.52 -12.54
N MET A 160 -22.91 18.40 -11.38
CA MET A 160 -23.02 17.18 -10.61
C MET A 160 -23.36 17.57 -9.18
N ARG A 161 -23.90 16.60 -8.43
CA ARG A 161 -24.10 16.77 -7.00
C ARG A 161 -22.74 17.03 -6.32
N PRO A 162 -22.76 17.55 -5.09
CA PRO A 162 -21.46 17.76 -4.44
C PRO A 162 -20.76 16.44 -4.15
N CYS A 163 -19.44 16.42 -4.24
CA CYS A 163 -18.66 15.21 -3.92
C CYS A 163 -17.18 15.52 -3.85
N TYR A 164 -16.41 14.61 -3.28
CA TYR A 164 -14.96 14.73 -3.30
C TYR A 164 -14.22 13.40 -3.43
N SER A 165 -13.03 13.47 -4.01
CA SER A 165 -12.22 12.28 -4.25
C SER A 165 -11.75 11.66 -2.96
N ILE A 166 -11.85 10.35 -2.89
CA ILE A 166 -11.25 9.57 -1.82
C ILE A 166 -10.60 8.38 -2.47
N VAL A 167 -9.35 8.10 -2.10
CA VAL A 167 -8.69 6.89 -2.57
C VAL A 167 -8.31 5.99 -1.38
N ILE A 168 -8.52 4.68 -1.57
CA ILE A 168 -8.02 3.67 -0.63
C ILE A 168 -7.00 2.82 -1.36
N SER A 169 -5.80 2.72 -0.80
CA SER A 169 -4.73 1.97 -1.45
C SER A 169 -3.77 1.39 -0.43
N GLY A 170 -3.30 0.17 -0.67
CA GLY A 170 -2.36 -0.44 0.24
C GLY A 170 -1.92 -1.82 -0.17
N SER A 171 -1.74 -2.68 0.82
CA SER A 171 -1.17 -4.01 0.60
C SER A 171 -2.09 -4.87 -0.26
N VAL A 172 -1.52 -5.94 -0.83
CA VAL A 172 -2.15 -6.70 -1.89
C VAL A 172 -3.56 -7.20 -1.56
N ASN A 173 -3.80 -7.49 -0.29
CA ASN A 173 -5.08 -8.05 0.09
C ASN A 173 -5.79 -7.32 1.21
N TRP A 174 -5.66 -6.00 1.26
CA TRP A 174 -6.46 -5.21 2.20
C TRP A 174 -7.94 -5.42 1.93
N THR A 175 -8.25 -5.88 0.71
CA THR A 175 -9.64 -6.15 0.31
C THR A 175 -10.24 -7.41 0.92
N ALA A 176 -9.43 -8.26 1.53
CA ALA A 176 -9.97 -9.43 2.25
C ALA A 176 -10.63 -8.93 3.53
N LEU A 177 -10.38 -7.66 3.85
CA LEU A 177 -10.95 -7.00 5.01
C LEU A 177 -10.54 -7.68 6.32
N GLY A 178 -9.27 -8.07 6.39
CA GLY A 178 -8.73 -8.66 7.61
C GLY A 178 -9.05 -10.12 7.77
N LEU A 179 -10.00 -10.61 6.97
CA LEU A 179 -10.39 -12.01 7.00
C LEU A 179 -9.19 -12.88 6.65
N GLY A 180 -8.73 -13.65 7.64
CA GLY A 180 -7.52 -14.43 7.49
C GLY A 180 -6.51 -14.02 8.54
N GLY A 181 -6.71 -12.83 9.11
CA GLY A 181 -5.85 -12.34 10.16
C GLY A 181 -4.41 -12.05 9.74
N ASN A 182 -4.19 -11.88 8.44
CA ASN A 182 -2.87 -11.53 7.93
C ASN A 182 -2.53 -10.08 8.26
N TRP A 183 -1.28 -9.70 8.03
CA TRP A 183 -0.89 -8.29 8.15
C TRP A 183 -1.14 -7.58 6.84
N GLU A 184 -2.08 -6.64 6.86
CA GLU A 184 -2.43 -5.84 5.69
C GLU A 184 -2.57 -4.38 6.13
N ASN A 185 -2.53 -3.48 5.16
CA ASN A 185 -2.74 -2.06 5.44
C ASN A 185 -3.25 -1.35 4.21
N CYS A 186 -3.96 -0.24 4.44
CA CYS A 186 -4.29 0.67 3.36
C CYS A 186 -4.39 2.11 3.87
N ILE A 187 -3.85 3.03 3.05
CA ILE A 187 -4.08 4.44 3.26
C ILE A 187 -5.50 4.74 2.80
N ILE A 188 -6.22 5.54 3.59
CA ILE A 188 -7.47 6.12 3.12
C ILE A 188 -7.31 7.63 3.17
N THR A 189 -7.39 8.27 2.01
CA THR A 189 -7.11 9.69 1.96
C THR A 189 -7.93 10.42 0.91
N ALA A 190 -8.29 11.66 1.24
CA ALA A 190 -8.90 12.57 0.28
C ALA A 190 -7.87 13.53 -0.28
N ASP A 191 -6.58 13.25 -0.05
CA ASP A 191 -5.49 14.07 -0.58
C ASP A 191 -5.61 14.17 -2.09
N ASP A 192 -5.73 15.41 -2.56
CA ASP A 192 -5.99 15.74 -3.95
C ASP A 192 -4.95 15.14 -4.91
N LYS A 193 -3.68 15.37 -4.62
CA LYS A 193 -2.60 14.85 -5.48
C LYS A 193 -2.65 13.32 -5.60
N LEU A 194 -2.80 12.65 -4.46
CA LEU A 194 -2.78 11.20 -4.43
C LEU A 194 -3.96 10.61 -5.19
N THR A 195 -5.15 11.13 -4.95
CA THR A 195 -6.36 10.66 -5.62
C THR A 195 -6.25 10.82 -7.13
N ALA A 196 -5.81 11.99 -7.57
CA ALA A 196 -5.64 12.29 -8.99
C ALA A 196 -4.63 11.36 -9.65
N THR A 197 -3.56 11.06 -8.93
CA THR A 197 -2.52 10.20 -9.46
C THR A 197 -3.03 8.76 -9.63
N PHE A 198 -3.75 8.28 -8.63
CA PHE A 198 -4.31 6.93 -8.72
C PHE A 198 -5.40 6.81 -9.78
N GLN A 199 -6.23 7.84 -9.89
CA GLN A 199 -7.32 7.84 -10.88
C GLN A 199 -6.77 7.85 -12.30
N ALA A 200 -5.69 8.58 -12.50
CA ALA A 200 -5.04 8.66 -13.81
C ALA A 200 -4.47 7.32 -14.26
N GLU A 201 -3.85 6.58 -13.34
CA GLU A 201 -3.35 5.25 -13.67
C GLU A 201 -4.49 4.28 -13.94
N PHE A 202 -5.60 4.43 -13.23
CA PHE A 202 -6.77 3.64 -13.55
C PHE A 202 -7.26 3.89 -14.99
N GLN A 203 -7.40 5.16 -15.36
CA GLN A 203 -7.84 5.53 -16.71
C GLN A 203 -6.91 4.94 -17.78
N ARG A 204 -5.61 4.99 -17.52
CA ARG A 204 -4.62 4.47 -18.45
C ARG A 204 -4.78 2.97 -18.63
N MET A 205 -4.73 2.24 -17.51
CA MET A 205 -4.86 0.78 -17.55
C MET A 205 -6.15 0.36 -18.21
N TRP A 206 -7.25 0.97 -17.80
CA TRP A 206 -8.57 0.65 -18.34
C TRP A 206 -8.56 0.73 -19.87
N ARG A 207 -7.94 1.77 -20.40
CA ARG A 207 -7.81 1.89 -21.86
C ARG A 207 -6.89 0.81 -22.43
N ALA A 208 -5.79 0.56 -21.73
CA ALA A 208 -4.79 -0.39 -22.21
C ALA A 208 -5.21 -1.87 -22.10
N PHE A 209 -6.18 -2.18 -21.23
CA PHE A 209 -6.46 -3.58 -20.87
C PHE A 209 -7.55 -4.28 -21.67
N ALA A 210 -7.72 -5.58 -21.38
CA ALA A 210 -8.64 -6.45 -22.11
C ALA A 210 -9.85 -6.86 -21.27
N LYS A 211 -10.95 -7.19 -21.95
CA LYS A 211 -12.17 -7.62 -21.27
C LYS A 211 -12.11 -9.10 -20.91
N ARG B 16 8.17 19.17 0.82
CA ARG B 16 8.92 17.91 0.86
C ARG B 16 8.37 16.89 -0.15
N VAL B 17 8.74 15.64 0.02
CA VAL B 17 8.30 14.58 -0.89
C VAL B 17 6.92 14.02 -0.54
N HIS B 18 6.17 13.72 -1.58
CA HIS B 18 4.81 13.23 -1.45
C HIS B 18 4.48 12.79 -2.86
N GLU B 19 4.69 11.51 -3.14
CA GLU B 19 4.68 11.04 -4.52
C GLU B 19 4.27 9.59 -4.63
N VAL B 20 3.59 9.25 -5.72
CA VAL B 20 3.20 7.86 -6.00
C VAL B 20 4.09 7.26 -7.07
N ILE B 21 4.82 6.22 -6.72
CA ILE B 21 5.69 5.52 -7.66
C ILE B 21 4.90 4.39 -8.29
N ILE B 22 4.80 4.37 -9.62
CA ILE B 22 3.96 3.38 -10.26
C ILE B 22 4.68 2.57 -11.31
N PHE B 23 4.77 1.27 -11.06
CA PHE B 23 5.31 0.32 -12.02
C PHE B 23 4.15 -0.22 -12.86
N ASN B 24 4.35 -0.28 -14.16
CA ASN B 24 3.35 -0.92 -15.03
C ASN B 24 3.99 -1.52 -16.27
N GLU B 25 3.14 -1.94 -17.22
CA GLU B 25 3.62 -2.65 -18.39
C GLU B 25 4.51 -1.80 -19.31
N LEU B 26 4.53 -0.48 -19.08
CA LEU B 26 5.27 0.44 -19.94
C LEU B 26 6.65 0.74 -19.37
N GLY B 27 7.01 0.06 -18.30
CA GLY B 27 8.22 0.39 -17.58
C GLY B 27 9.51 0.16 -18.33
N GLU B 28 9.46 -0.67 -19.36
CA GLU B 28 10.68 -1.06 -20.08
C GLU B 28 10.71 -0.63 -21.56
N ILE B 29 9.74 0.15 -22.00
CA ILE B 29 9.67 0.55 -23.41
C ILE B 29 10.85 1.41 -23.85
N CYS B 30 11.64 1.85 -22.88
CA CYS B 30 12.75 2.76 -23.12
C CYS B 30 14.09 2.09 -22.81
N ALA B 31 14.10 0.76 -22.79
CA ALA B 31 15.29 0.01 -22.43
C ALA B 31 16.51 0.34 -23.30
N ALA B 32 16.28 0.64 -24.57
CA ALA B 32 17.36 0.90 -25.52
C ALA B 32 18.22 2.12 -25.17
N VAL B 33 17.67 3.09 -24.46
CA VAL B 33 18.45 4.27 -24.06
C VAL B 33 19.19 4.02 -22.75
N HIS B 34 19.00 2.83 -22.18
CA HIS B 34 19.68 2.46 -20.94
C HIS B 34 20.53 1.20 -21.13
N GLN B 43 27.44 2.43 -7.26
CA GLN B 43 26.26 3.07 -6.67
C GLN B 43 25.07 3.05 -7.64
N LYS B 44 24.66 1.84 -8.01
CA LYS B 44 23.61 1.64 -9.00
C LYS B 44 22.21 1.85 -8.40
N PRO B 45 21.21 2.19 -9.25
CA PRO B 45 21.32 2.44 -10.69
C PRO B 45 21.64 3.89 -11.04
N GLN B 46 22.30 4.08 -12.18
CA GLN B 46 22.54 5.41 -12.73
C GLN B 46 21.69 5.53 -13.98
N VAL B 47 20.56 6.22 -13.87
CA VAL B 47 19.58 6.25 -14.95
C VAL B 47 19.74 7.46 -15.86
N SER B 48 20.16 7.21 -17.10
CA SER B 48 20.23 8.23 -18.12
C SER B 48 18.84 8.79 -18.36
N PRO B 49 18.74 10.06 -18.77
CA PRO B 49 17.40 10.63 -19.05
C PRO B 49 16.67 9.89 -20.17
N CYS B 50 15.34 9.82 -20.05
CA CYS B 50 14.50 9.24 -21.08
C CYS B 50 13.19 10.00 -21.11
N CYS B 51 12.34 9.70 -22.09
CA CYS B 51 11.06 10.41 -22.24
C CYS B 51 9.87 9.59 -21.73
N ASN B 52 10.17 8.43 -21.14
CA ASN B 52 9.15 7.52 -20.62
C ASN B 52 8.82 7.88 -19.17
N THR B 53 7.63 8.45 -18.97
CA THR B 53 7.16 8.83 -17.64
C THR B 53 6.94 7.61 -16.74
N HIS B 54 6.98 6.42 -17.34
CA HIS B 54 6.70 5.19 -16.61
C HIS B 54 7.97 4.34 -16.42
N CYS B 55 9.12 4.93 -16.73
CA CYS B 55 10.40 4.26 -16.64
C CYS B 55 10.65 3.58 -15.29
N SER B 56 10.76 2.25 -15.31
CA SER B 56 10.99 1.50 -14.09
C SER B 56 12.31 1.87 -13.43
N LEU B 57 13.32 2.13 -14.26
CA LEU B 57 14.62 2.52 -13.72
C LEU B 57 14.50 3.81 -12.93
N ARG B 58 13.73 4.76 -13.44
CA ARG B 58 13.54 6.02 -12.72
C ARG B 58 12.84 5.74 -11.38
N ASN B 59 11.82 4.90 -11.42
CA ASN B 59 11.13 4.50 -10.20
C ASN B 59 12.11 3.94 -9.17
N VAL B 60 12.93 2.98 -9.59
CA VAL B 60 13.96 2.38 -8.74
C VAL B 60 14.90 3.43 -8.16
N ALA B 61 15.37 4.35 -9.01
CA ALA B 61 16.31 5.37 -8.57
C ALA B 61 15.71 6.29 -7.52
N LYS B 62 14.41 6.56 -7.63
CA LYS B 62 13.71 7.40 -6.66
C LYS B 62 13.65 6.75 -5.28
N ILE B 63 13.32 5.46 -5.27
CA ILE B 63 13.24 4.73 -4.02
C ILE B 63 14.62 4.67 -3.37
N VAL B 64 15.62 4.30 -4.16
CA VAL B 64 16.99 4.13 -3.66
C VAL B 64 17.54 5.44 -3.10
N GLU B 65 17.20 6.53 -3.79
CA GLU B 65 17.52 7.89 -3.33
C GLU B 65 17.08 8.12 -1.88
N GLN B 66 15.85 7.75 -1.57
CA GLN B 66 15.34 7.93 -0.22
C GLN B 66 16.18 7.14 0.78
N ILE B 67 16.62 5.94 0.39
CA ILE B 67 17.48 5.15 1.25
C ILE B 67 18.84 5.82 1.38
N ASP B 68 19.35 6.33 0.27
CA ASP B 68 20.65 7.03 0.27
C ASP B 68 20.63 8.25 1.18
N ARG B 69 19.43 8.77 1.44
CA ARG B 69 19.26 9.99 2.23
C ARG B 69 19.01 9.73 3.72
N ALA B 70 18.95 8.45 4.11
CA ALA B 70 18.78 8.10 5.51
C ALA B 70 20.03 8.52 6.29
N VAL B 71 19.86 9.10 7.47
CA VAL B 71 21.03 9.45 8.28
C VAL B 71 21.15 8.68 9.61
N TYR B 72 20.02 8.39 10.25
CA TYR B 72 20.04 7.68 11.53
C TYR B 72 19.38 6.29 11.53
N SER B 73 18.26 6.17 10.84
CA SER B 73 17.47 4.93 10.95
C SER B 73 16.71 4.52 9.70
N ILE B 74 16.69 3.21 9.46
CA ILE B 74 15.82 2.58 8.48
C ILE B 74 15.11 1.39 9.13
N ASP B 75 13.79 1.48 9.22
CA ASP B 75 12.98 0.36 9.70
C ASP B 75 12.18 -0.23 8.55
N LEU B 76 12.46 -1.50 8.23
CA LEU B 76 11.91 -2.13 7.05
C LEU B 76 11.03 -3.33 7.37
N ALA B 77 9.72 -3.16 7.20
CA ALA B 77 8.80 -4.29 7.27
C ALA B 77 8.53 -4.74 5.84
N ILE B 78 8.87 -6.00 5.55
CA ILE B 78 8.96 -6.46 4.18
C ILE B 78 8.42 -7.88 4.03
N TYR B 79 7.79 -8.15 2.89
CA TYR B 79 7.25 -9.47 2.63
C TYR B 79 8.26 -10.33 1.89
N THR B 80 8.81 -9.80 0.81
CA THR B 80 9.88 -10.47 0.08
C THR B 80 10.97 -9.46 -0.33
N PHE B 81 12.21 -9.76 0.01
CA PHE B 81 13.35 -8.88 -0.24
C PHE B 81 14.32 -9.54 -1.20
N THR B 82 14.07 -9.41 -2.50
CA THR B 82 14.91 -10.07 -3.49
C THR B 82 15.76 -9.08 -4.29
N SER B 83 15.44 -7.80 -4.17
CA SER B 83 16.10 -6.79 -4.98
C SER B 83 17.56 -6.59 -4.60
N LEU B 84 18.42 -6.59 -5.62
CA LEU B 84 19.84 -6.34 -5.41
C LEU B 84 20.10 -4.85 -5.21
N PHE B 85 19.44 -4.03 -6.01
CA PHE B 85 19.52 -2.58 -5.91
C PHE B 85 19.16 -2.09 -4.51
N LEU B 86 18.15 -2.72 -3.91
CA LEU B 86 17.69 -2.30 -2.59
C LEU B 86 18.69 -2.75 -1.52
N ALA B 87 19.05 -4.03 -1.56
CA ALA B 87 20.08 -4.57 -0.66
C ALA B 87 21.38 -3.75 -0.65
N ASP B 88 21.84 -3.33 -1.82
CA ASP B 88 23.04 -2.52 -1.92
C ASP B 88 22.87 -1.17 -1.23
N SER B 89 21.70 -0.54 -1.41
CA SER B 89 21.45 0.76 -0.78
C SER B 89 21.34 0.60 0.73
N ILE B 90 20.76 -0.51 1.18
CA ILE B 90 20.73 -0.83 2.61
C ILE B 90 22.16 -1.06 3.12
N LYS B 91 22.97 -1.68 2.27
CA LYS B 91 24.37 -1.91 2.61
C LYS B 91 25.12 -0.58 2.82
N ARG B 92 25.00 0.33 1.85
CA ARG B 92 25.64 1.65 1.95
C ARG B 92 25.22 2.41 3.20
N ALA B 93 23.93 2.29 3.55
CA ALA B 93 23.38 3.00 4.69
C ALA B 93 24.07 2.57 5.97
N LEU B 94 24.33 1.27 6.06
CA LEU B 94 25.01 0.70 7.22
C LEU B 94 26.38 1.34 7.38
N GLN B 95 27.08 1.50 6.27
CA GLN B 95 28.44 2.03 6.26
C GLN B 95 28.51 3.49 6.70
N ARG B 96 27.39 4.19 6.56
CA ARG B 96 27.28 5.57 7.04
C ARG B 96 26.93 5.58 8.52
N GLY B 97 26.60 4.40 9.05
CA GLY B 97 26.21 4.30 10.44
C GLY B 97 24.73 4.44 10.69
N VAL B 98 23.93 4.16 9.65
CA VAL B 98 22.47 4.17 9.82
C VAL B 98 22.05 2.86 10.50
N ILE B 99 21.18 2.98 11.50
CA ILE B 99 20.73 1.82 12.26
C ILE B 99 19.53 1.19 11.59
N ILE B 100 19.73 -0.03 11.11
CA ILE B 100 18.75 -0.71 10.28
C ILE B 100 18.13 -1.90 11.00
N ARG B 101 16.81 -1.99 10.96
CA ARG B 101 16.10 -3.15 11.50
C ARG B 101 15.14 -3.70 10.44
N ILE B 102 15.06 -5.03 10.35
CA ILE B 102 14.18 -5.67 9.38
C ILE B 102 13.10 -6.51 10.03
N ILE B 103 11.88 -6.34 9.58
CA ILE B 103 10.78 -7.20 9.97
C ILE B 103 10.28 -7.92 8.72
N SER B 104 10.18 -9.24 8.77
CA SER B 104 9.82 -10.01 7.58
C SER B 104 8.69 -11.03 7.78
N ASP B 105 8.07 -11.43 6.68
CA ASP B 105 7.20 -12.60 6.67
C ASP B 105 8.04 -13.83 7.04
N GLY B 106 7.50 -14.68 7.91
CA GLY B 106 8.24 -15.84 8.40
C GLY B 106 8.62 -16.85 7.34
N GLU B 107 7.70 -17.13 6.42
CA GLU B 107 7.95 -18.10 5.38
C GLU B 107 9.02 -17.62 4.41
N MET B 108 8.92 -16.36 3.98
CA MET B 108 9.79 -15.83 2.93
C MET B 108 11.18 -15.46 3.43
N VAL B 109 11.31 -15.24 4.73
CA VAL B 109 12.50 -14.57 5.29
C VAL B 109 13.84 -15.08 4.79
N TYR B 110 13.99 -16.40 4.70
CA TYR B 110 15.22 -16.97 4.20
C TYR B 110 14.96 -17.87 3.01
N SER B 111 13.93 -17.56 2.24
CA SER B 111 13.64 -18.30 1.02
C SER B 111 14.76 -18.07 0.01
N LYS B 112 14.75 -18.85 -1.07
CA LYS B 112 15.74 -18.71 -2.14
C LYS B 112 15.62 -17.32 -2.75
N GLY B 113 16.76 -16.63 -2.88
CA GLY B 113 16.78 -15.30 -3.47
C GLY B 113 16.75 -14.17 -2.46
N SER B 114 16.31 -14.47 -1.23
CA SER B 114 16.21 -13.46 -0.18
C SER B 114 17.57 -12.85 0.13
N GLN B 115 17.58 -11.52 0.22
CA GLN B 115 18.78 -10.75 0.53
C GLN B 115 18.95 -10.58 2.03
N ILE B 116 17.97 -11.06 2.78
CA ILE B 116 17.92 -10.82 4.22
C ILE B 116 19.04 -11.52 4.98
N SER B 117 19.38 -12.74 4.56
CA SER B 117 20.49 -13.47 5.17
C SER B 117 21.78 -12.66 5.08
N MET B 118 22.08 -12.20 3.87
CA MET B 118 23.23 -11.36 3.60
C MET B 118 23.28 -10.17 4.56
N LEU B 119 22.15 -9.48 4.70
CA LEU B 119 22.08 -8.31 5.57
C LEU B 119 22.21 -8.72 7.05
N ALA B 120 21.65 -9.87 7.41
CA ALA B 120 21.79 -10.39 8.76
C ALA B 120 23.25 -10.73 9.10
N GLN B 121 24.03 -11.09 8.07
CA GLN B 121 25.45 -11.37 8.25
C GLN B 121 26.24 -10.12 8.63
N LEU B 122 25.77 -8.97 8.19
CA LEU B 122 26.45 -7.70 8.43
C LEU B 122 26.07 -7.10 9.78
N GLY B 123 25.10 -7.72 10.45
CA GLY B 123 24.71 -7.28 11.77
C GLY B 123 23.28 -6.77 11.88
N VAL B 124 22.54 -6.83 10.79
CA VAL B 124 21.18 -6.32 10.78
C VAL B 124 20.24 -7.29 11.47
N PRO B 125 19.57 -6.82 12.54
CA PRO B 125 18.61 -7.65 13.27
C PRO B 125 17.32 -7.87 12.47
N VAL B 126 16.77 -9.07 12.59
CA VAL B 126 15.59 -9.48 11.83
C VAL B 126 14.56 -10.12 12.75
N ARG B 127 13.32 -9.65 12.70
CA ARG B 127 12.25 -10.30 13.46
C ARG B 127 11.16 -10.80 12.53
N VAL B 128 10.48 -11.88 12.92
CA VAL B 128 9.42 -12.48 12.13
C VAL B 128 8.24 -12.80 13.04
N PRO B 129 7.02 -12.85 12.48
CA PRO B 129 5.87 -13.11 13.35
C PRO B 129 5.93 -14.52 13.90
N ILE B 130 5.25 -14.74 15.02
CA ILE B 130 5.11 -16.08 15.57
C ILE B 130 4.09 -16.85 14.75
N THR B 131 2.94 -16.22 14.50
CA THR B 131 1.86 -16.81 13.72
C THR B 131 2.24 -17.07 12.25
N THR B 132 1.59 -18.06 11.65
CA THR B 132 1.89 -18.51 10.30
C THR B 132 1.37 -17.58 9.18
N ASN B 133 0.44 -16.71 9.52
CA ASN B 133 -0.21 -15.82 8.54
C ASN B 133 0.75 -15.00 7.66
N LEU B 134 0.22 -14.52 6.55
CA LEU B 134 1.01 -13.73 5.62
C LEU B 134 1.30 -12.34 6.18
N MET B 135 2.58 -11.98 6.23
CA MET B 135 2.95 -10.62 6.61
C MET B 135 3.10 -9.77 5.36
N HIS B 136 1.98 -9.20 4.91
CA HIS B 136 1.96 -8.43 3.65
C HIS B 136 2.21 -6.94 3.84
N ASN B 137 2.47 -6.51 5.07
CA ASN B 137 2.78 -5.10 5.30
C ASN B 137 4.17 -4.73 4.85
N ALA B 138 4.32 -4.36 3.59
CA ALA B 138 5.59 -3.92 3.06
C ALA B 138 5.75 -2.40 3.10
N PHE B 139 6.37 -1.88 4.16
CA PHE B 139 6.68 -0.45 4.24
C PHE B 139 8.06 -0.23 4.83
N CYS B 140 8.59 0.98 4.66
CA CYS B 140 9.93 1.30 5.11
C CYS B 140 9.92 2.70 5.71
N ILE B 141 10.27 2.84 6.99
CA ILE B 141 10.37 4.18 7.58
C ILE B 141 11.81 4.62 7.73
N ILE B 142 12.13 5.77 7.13
CA ILE B 142 13.45 6.36 7.16
C ILE B 142 13.48 7.55 8.12
N ASP B 143 14.42 7.52 9.06
CA ASP B 143 14.55 8.54 10.09
C ASP B 143 13.20 8.95 10.70
N GLY B 144 12.39 7.95 11.03
CA GLY B 144 11.12 8.20 11.69
C GLY B 144 11.36 8.95 12.98
N PHE B 145 10.51 9.94 13.28
CA PHE B 145 10.71 10.82 14.42
C PHE B 145 10.87 10.10 15.77
N GLU B 146 9.88 9.28 16.11
CA GLU B 146 9.88 8.48 17.34
C GLU B 146 11.11 7.57 17.44
N ARG B 147 11.59 7.10 16.29
CA ARG B 147 12.73 6.19 16.24
C ARG B 147 14.05 6.95 16.40
N VAL B 148 14.12 8.12 15.78
CA VAL B 148 15.32 8.95 15.87
C VAL B 148 15.53 9.46 17.29
N GLU B 149 14.46 9.91 17.94
CA GLU B 149 14.54 10.35 19.33
C GLU B 149 14.98 9.18 20.20
N GLU B 150 14.44 8.01 19.91
CA GLU B 150 14.79 6.78 20.60
C GLU B 150 16.28 6.51 20.52
N ILE B 151 16.86 6.66 19.33
CA ILE B 151 18.30 6.50 19.16
C ILE B 151 19.07 7.53 19.97
N ARG B 152 18.68 8.80 19.83
CA ARG B 152 19.34 9.91 20.51
C ARG B 152 19.55 9.68 22.00
N LEU B 153 18.50 9.25 22.70
CA LEU B 153 18.59 8.97 24.13
C LEU B 153 19.58 7.85 24.39
N LEU B 154 19.43 6.75 23.66
CA LEU B 154 20.28 5.58 23.85
C LEU B 154 21.71 5.88 23.38
N ARG B 155 21.82 6.69 22.33
CA ARG B 155 23.13 7.13 21.85
C ARG B 155 23.74 8.14 22.81
N LYS B 156 22.92 8.62 23.75
CA LYS B 156 23.31 9.65 24.70
C LYS B 156 23.75 10.92 23.98
N LEU B 157 22.78 11.68 23.48
CA LEU B 157 23.04 12.92 22.75
C LEU B 157 22.02 13.99 23.08
N LYS B 158 22.29 15.21 22.63
CA LYS B 158 21.34 16.31 22.76
C LYS B 158 20.98 16.82 21.36
N PHE B 159 21.98 16.93 20.51
CA PHE B 159 21.81 17.42 19.15
C PHE B 159 21.98 16.31 18.11
N MET B 160 21.02 16.20 17.22
CA MET B 160 21.13 15.30 16.07
C MET B 160 21.43 16.12 14.82
N ARG B 161 22.10 15.51 13.85
CA ARG B 161 22.24 16.11 12.54
C ARG B 161 20.84 16.21 11.95
N PRO B 162 20.59 17.19 11.06
CA PRO B 162 19.23 17.40 10.55
C PRO B 162 18.72 16.27 9.67
N CYS B 163 17.46 15.89 9.89
CA CYS B 163 16.82 14.86 9.09
C CYS B 163 15.31 15.01 9.20
N TYR B 164 14.57 14.20 8.44
CA TYR B 164 13.14 14.10 8.64
C TYR B 164 12.53 12.79 8.11
N SER B 165 11.35 12.47 8.62
CA SER B 165 10.71 11.19 8.39
C SER B 165 10.22 11.00 6.96
N ILE B 166 10.54 9.83 6.39
CA ILE B 166 10.02 9.44 5.09
C ILE B 166 9.48 8.02 5.19
N VAL B 167 8.26 7.79 4.71
CA VAL B 167 7.78 6.41 4.59
C VAL B 167 7.55 6.03 3.13
N ILE B 168 8.05 4.86 2.77
CA ILE B 168 7.72 4.28 1.47
C ILE B 168 6.81 3.10 1.74
N SER B 169 5.62 3.11 1.14
CA SER B 169 4.65 2.06 1.42
C SER B 169 3.76 1.73 0.21
N GLY B 170 3.42 0.46 0.04
CA GLY B 170 2.47 0.11 -1.00
C GLY B 170 2.27 -1.36 -1.28
N SER B 171 2.11 -1.66 -2.57
CA SER B 171 1.92 -3.03 -3.02
C SER B 171 3.05 -3.94 -2.53
N VAL B 172 2.71 -5.20 -2.28
CA VAL B 172 3.58 -6.13 -1.56
C VAL B 172 4.94 -6.41 -2.18
N ASN B 173 5.09 -6.15 -3.47
CA ASN B 173 6.37 -6.37 -4.12
C ASN B 173 7.05 -5.09 -4.61
N TRP B 174 6.71 -3.94 -4.02
CA TRP B 174 7.39 -2.71 -4.39
C TRP B 174 8.88 -2.82 -4.06
N THR B 175 9.19 -3.66 -3.09
CA THR B 175 10.57 -3.97 -2.71
C THR B 175 11.21 -5.03 -3.62
N ALA B 176 10.53 -5.38 -4.70
CA ALA B 176 11.15 -6.19 -5.75
C ALA B 176 11.89 -5.26 -6.69
N LEU B 177 11.52 -3.98 -6.63
CA LEU B 177 12.16 -2.93 -7.41
C LEU B 177 12.01 -3.11 -8.92
N GLY B 178 10.78 -3.38 -9.36
CA GLY B 178 10.47 -3.53 -10.79
C GLY B 178 10.75 -4.92 -11.32
N LEU B 179 11.32 -5.78 -10.48
CA LEU B 179 11.67 -7.16 -10.84
C LEU B 179 10.45 -8.00 -11.24
N GLY B 180 10.28 -8.21 -12.54
CA GLY B 180 9.18 -9.01 -13.04
C GLY B 180 8.20 -8.27 -13.94
N GLY B 181 8.33 -6.95 -14.00
CA GLY B 181 7.49 -6.14 -14.87
C GLY B 181 6.00 -6.16 -14.51
N ASN B 182 5.73 -6.27 -13.21
CA ASN B 182 4.36 -6.36 -12.73
C ASN B 182 3.76 -4.97 -12.55
N TRP B 183 2.45 -4.93 -12.27
CA TRP B 183 1.82 -3.70 -11.83
C TRP B 183 1.93 -3.60 -10.31
N GLU B 184 2.81 -2.71 -9.85
CA GLU B 184 3.04 -2.48 -8.42
C GLU B 184 2.93 -0.98 -8.13
N ASN B 185 2.97 -0.61 -6.85
CA ASN B 185 3.07 0.80 -6.48
C ASN B 185 3.57 1.02 -5.05
N CYS B 186 4.25 2.13 -4.84
CA CYS B 186 4.46 2.62 -3.49
C CYS B 186 4.34 4.13 -3.42
N ILE B 187 3.80 4.62 -2.31
CA ILE B 187 3.81 6.04 -2.03
C ILE B 187 5.07 6.36 -1.25
N ILE B 188 5.73 7.45 -1.63
CA ILE B 188 6.81 8.01 -0.84
C ILE B 188 6.29 9.32 -0.30
N THR B 189 6.27 9.47 1.01
CA THR B 189 5.71 10.68 1.58
C THR B 189 6.40 11.06 2.87
N ALA B 190 6.42 12.36 3.13
CA ALA B 190 7.01 12.88 4.34
C ALA B 190 5.91 13.30 5.30
N ASP B 191 4.66 13.04 4.91
CA ASP B 191 3.48 13.35 5.72
C ASP B 191 3.65 12.87 7.15
N ASP B 192 3.60 13.81 8.09
CA ASP B 192 3.90 13.51 9.48
C ASP B 192 2.97 12.48 10.11
N LYS B 193 1.70 12.50 9.74
CA LYS B 193 0.74 11.57 10.33
C LYS B 193 0.97 10.13 9.86
N LEU B 194 1.09 9.95 8.54
CA LEU B 194 1.32 8.65 7.95
C LEU B 194 2.63 8.07 8.46
N THR B 195 3.71 8.84 8.38
CA THR B 195 5.01 8.36 8.83
C THR B 195 4.97 8.04 10.33
N ALA B 196 4.17 8.78 11.08
CA ALA B 196 4.02 8.52 12.51
C ALA B 196 3.36 7.17 12.75
N THR B 197 2.30 6.90 11.98
CA THR B 197 1.53 5.67 12.17
C THR B 197 2.35 4.45 11.80
N PHE B 198 3.01 4.49 10.65
CA PHE B 198 3.84 3.37 10.22
C PHE B 198 4.96 3.09 11.21
N GLN B 199 5.64 4.14 11.67
CA GLN B 199 6.73 3.97 12.62
C GLN B 199 6.25 3.34 13.92
N ALA B 200 5.09 3.79 14.42
CA ALA B 200 4.52 3.22 15.64
C ALA B 200 4.24 1.72 15.50
N GLU B 201 3.67 1.33 14.37
CA GLU B 201 3.34 -0.08 14.15
C GLU B 201 4.61 -0.95 14.03
N PHE B 202 5.67 -0.40 13.44
CA PHE B 202 6.91 -1.15 13.35
C PHE B 202 7.45 -1.37 14.75
N GLN B 203 7.50 -0.29 15.55
CA GLN B 203 7.88 -0.40 16.96
C GLN B 203 7.03 -1.45 17.69
N ARG B 204 5.72 -1.46 17.43
CA ARG B 204 4.82 -2.44 18.03
C ARG B 204 5.15 -3.86 17.58
N MET B 205 5.29 -4.05 16.28
CA MET B 205 5.66 -5.37 15.73
C MET B 205 7.03 -5.82 16.22
N TRP B 206 7.96 -4.89 16.38
CA TRP B 206 9.32 -5.23 16.77
C TRP B 206 9.33 -5.82 18.19
N ARG B 207 8.54 -5.22 19.08
CA ARG B 207 8.45 -5.71 20.44
C ARG B 207 7.70 -7.03 20.54
N ALA B 208 6.76 -7.27 19.63
CA ALA B 208 5.89 -8.43 19.72
C ALA B 208 6.33 -9.65 18.90
N PHE B 209 7.31 -9.47 18.01
CA PHE B 209 7.72 -10.56 17.12
C PHE B 209 8.94 -11.31 17.65
N ALA B 210 9.25 -12.43 17.01
CA ALA B 210 10.34 -13.30 17.42
C ALA B 210 11.62 -13.02 16.63
N LYS B 211 12.76 -13.17 17.29
CA LYS B 211 14.05 -12.98 16.63
C LYS B 211 14.45 -14.22 15.84
N THR B 212 15.24 -14.01 14.79
CA THR B 212 15.96 -15.07 14.10
C THR B 212 17.31 -14.53 13.65
ZN ZN C . -13.14 -4.46 18.56
C1 EDO D . -18.04 11.63 -0.11
O1 EDO D . -19.47 11.46 -0.27
C2 EDO D . -17.31 11.10 -1.34
O2 EDO D . -17.78 11.77 -2.52
C1 EDO E . -14.83 16.60 -7.19
O1 EDO E . -14.98 17.08 -5.85
C2 EDO E . -14.29 15.19 -7.12
O2 EDO E . -15.34 14.28 -7.45
ZN ZN F . 13.75 5.05 -19.09
#